data_8OSV
#
_entry.id   8OSV
#
_cell.length_a   74.304
_cell.length_b   95.288
_cell.length_c   86.591
_cell.angle_alpha   90.000
_cell.angle_beta   90.000
_cell.angle_gamma   90.000
#
_symmetry.space_group_name_H-M   'C 2 2 21'
#
loop_
_entity.id
_entity.type
_entity.pdbx_description
1 polymer GdmF
2 non-polymer ~{N}-(2-sulfanylethyl)ethanamide
3 non-polymer DI(HYDROXYETHYL)ETHER
4 non-polymer 'ACETATE ION'
5 non-polymer 1,2-ETHANEDIOL
6 water water
#
_entity_poly.entity_id   1
_entity_poly.type   'polypeptide(L)'
_entity_poly.pdbx_seq_one_letter_code
;HHHHHHMFDVAKYLRRIGVEGTPPPTLDTLRHLHKRHLMAVPYDNSTAPDRLPASRHLTNVPLDLVFGHVVTEGHGGVCY
ELNRLFHTLLAELGYDVRMVAAAVRQANGTFGPEREHTFDLVHLDGRTHLVDVGFPGPSYSEPLYLSEEEQHQYGCSYRV
TEHDGYRVVERRPKGSDWQPVYRFRPELADPSGWDAVRLDSLDDYAQDSVLAGTTFRSRATDNGKIVLIGRRYFTVEDGV
ERTKVLVKADEFQDVVDLILAGA
;
_entity_poly.pdbx_strand_id   A
#
# COMPACT_ATOMS: atom_id res chain seq x y z
N HIS A 6 10.83 13.28 -16.05
CA HIS A 6 12.10 13.93 -15.70
C HIS A 6 12.00 14.70 -14.37
N MET A 7 10.78 14.86 -13.86
CA MET A 7 10.60 15.55 -12.59
C MET A 7 10.73 14.61 -11.39
N PHE A 8 10.62 13.31 -11.59
CA PHE A 8 10.92 12.36 -10.52
C PHE A 8 12.30 12.64 -9.94
N ASP A 9 12.37 12.72 -8.63
CA ASP A 9 13.58 13.05 -7.93
C ASP A 9 13.66 12.26 -6.64
N VAL A 10 14.65 11.42 -6.51
CA VAL A 10 14.85 10.55 -5.37
C VAL A 10 14.98 11.35 -4.10
N ALA A 11 15.82 12.40 -4.12
CA ALA A 11 16.05 13.14 -2.89
C ALA A 11 14.76 13.84 -2.41
N LYS A 12 14.02 14.41 -3.32
CA LYS A 12 12.78 15.07 -2.96
C LYS A 12 11.81 14.05 -2.35
N TYR A 13 11.75 12.86 -2.94
CA TYR A 13 10.87 11.79 -2.44
C TYR A 13 11.28 11.35 -1.07
N LEU A 14 12.58 11.09 -0.88
CA LEU A 14 13.06 10.66 0.42
C LEU A 14 12.76 11.72 1.48
N ARG A 15 12.94 13.02 1.14
CA ARG A 15 12.60 14.05 2.12
C ARG A 15 11.10 14.01 2.47
N ARG A 16 10.28 13.80 1.44
N ARG A 16 10.24 13.85 1.50
CA ARG A 16 8.83 13.71 1.58
CA ARG A 16 8.82 13.75 1.82
C ARG A 16 8.42 12.62 2.55
C ARG A 16 8.57 12.66 2.87
N ILE A 17 9.18 11.51 2.70
CA ILE A 17 8.87 10.38 3.58
C ILE A 17 9.71 10.35 4.80
N GLY A 18 10.57 11.35 5.00
CA GLY A 18 11.30 11.42 6.23
C GLY A 18 12.50 10.52 6.33
N VAL A 19 13.18 10.29 5.21
CA VAL A 19 14.33 9.38 5.16
C VAL A 19 15.57 10.18 4.83
N GLU A 20 16.63 9.95 5.62
CA GLU A 20 17.86 10.75 5.45
C GLU A 20 18.86 10.14 4.44
N GLY A 21 19.42 11.00 3.62
CA GLY A 21 20.56 10.51 2.75
C GLY A 21 20.06 9.57 1.64
N THR A 22 20.97 8.74 1.16
CA THR A 22 20.67 7.73 0.13
C THR A 22 21.05 6.38 0.77
N PRO A 23 20.17 5.78 1.58
CA PRO A 23 20.54 4.63 2.37
C PRO A 23 20.87 3.44 1.48
N PRO A 24 21.67 2.52 1.99
CA PRO A 24 22.24 1.47 1.13
C PRO A 24 21.21 0.43 0.73
N PRO A 25 21.44 -0.29 -0.34
CA PRO A 25 20.40 -1.15 -0.98
C PRO A 25 20.32 -2.49 -0.26
N THR A 26 19.84 -2.49 0.99
CA THR A 26 19.81 -3.63 1.87
C THR A 26 18.38 -3.88 2.33
N LEU A 27 18.18 -5.01 3.00
CA LEU A 27 16.87 -5.32 3.56
C LEU A 27 16.50 -4.36 4.68
N ASP A 28 17.46 -3.99 5.52
CA ASP A 28 17.14 -3.03 6.57
CA ASP A 28 17.21 -3.00 6.58
C ASP A 28 16.66 -1.72 5.98
N THR A 29 17.30 -1.23 4.94
CA THR A 29 16.81 -0.03 4.30
C THR A 29 15.40 -0.24 3.73
N LEU A 30 15.18 -1.35 3.05
CA LEU A 30 13.87 -1.60 2.41
C LEU A 30 12.75 -1.57 3.46
N ARG A 31 13.02 -2.20 4.62
CA ARG A 31 12.03 -2.23 5.71
C ARG A 31 11.71 -0.83 6.23
N HIS A 32 12.75 0.04 6.34
CA HIS A 32 12.57 1.41 6.78
C HIS A 32 11.83 2.22 5.77
N LEU A 33 12.20 2.12 4.49
CA LEU A 33 11.55 2.89 3.47
C LEU A 33 10.04 2.55 3.39
N HIS A 34 9.74 1.26 3.51
CA HIS A 34 8.36 0.79 3.40
C HIS A 34 7.51 1.37 4.51
N LYS A 35 7.99 1.25 5.74
CA LYS A 35 7.24 1.78 6.89
CA LYS A 35 7.23 1.77 6.89
C LYS A 35 7.11 3.28 6.84
N ARG A 36 8.21 3.98 6.54
CA ARG A 36 8.17 5.43 6.46
C ARG A 36 7.20 5.89 5.39
N HIS A 37 7.18 5.22 4.23
CA HIS A 37 6.27 5.62 3.18
C HIS A 37 4.82 5.52 3.66
N LEU A 38 4.49 4.39 4.30
CA LEU A 38 3.11 4.18 4.76
C LEU A 38 2.72 5.15 5.87
N MET A 39 3.66 5.61 6.68
CA MET A 39 3.39 6.61 7.69
C MET A 39 3.22 7.99 7.12
N ALA A 40 3.96 8.34 6.08
CA ALA A 40 4.03 9.70 5.56
C ALA A 40 3.11 9.98 4.42
N VAL A 41 2.73 8.98 3.61
CA VAL A 41 2.00 9.15 2.39
C VAL A 41 0.68 8.37 2.55
N PRO A 42 -0.41 9.07 2.80
CA PRO A 42 -1.64 8.32 3.03
C PRO A 42 -2.27 7.78 1.79
N TYR A 43 -3.05 6.72 1.94
CA TYR A 43 -3.88 6.24 0.89
C TYR A 43 -5.07 7.21 0.84
N ASP A 44 -5.47 7.66 -0.34
CA ASP A 44 -6.64 8.54 -0.47
C ASP A 44 -7.16 8.39 -1.86
N ASN A 45 -8.42 7.96 -1.99
CA ASN A 45 -9.02 7.89 -3.31
C ASN A 45 -9.93 9.08 -3.66
N SER A 46 -9.86 10.13 -2.89
CA SER A 46 -10.82 11.26 -2.98
CA SER A 46 -10.93 11.13 -3.03
C SER A 46 -10.83 11.88 -4.36
N THR A 47 -9.66 12.08 -4.96
CA THR A 47 -9.54 12.73 -6.27
C THR A 47 -8.98 11.81 -7.33
N ALA A 48 -8.92 10.51 -7.04
CA ALA A 48 -8.39 9.55 -8.01
C ALA A 48 -9.09 9.65 -9.36
N PRO A 49 -10.42 9.86 -9.45
CA PRO A 49 -11.06 9.93 -10.77
C PRO A 49 -10.54 11.07 -11.60
N ASP A 50 -10.11 12.14 -10.94
CA ASP A 50 -9.64 13.31 -11.68
C ASP A 50 -8.36 13.04 -12.44
N ARG A 51 -7.58 12.03 -12.05
CA ARG A 51 -6.32 11.73 -12.68
C ARG A 51 -6.39 10.53 -13.63
N LEU A 52 -7.58 10.04 -13.92
CA LEU A 52 -7.72 8.88 -14.79
C LEU A 52 -7.53 9.29 -16.25
N PRO A 53 -6.90 8.45 -17.06
CA PRO A 53 -6.78 8.74 -18.50
C PRO A 53 -7.95 8.19 -19.31
N ALA A 54 -8.40 9.01 -20.27
CA ALA A 54 -9.45 8.55 -21.17
C ALA A 54 -9.10 7.24 -21.86
N SER A 55 -7.81 7.03 -22.17
CA SER A 55 -7.37 5.85 -22.90
C SER A 55 -7.46 4.56 -22.10
N ARG A 56 -7.62 4.60 -20.78
CA ARG A 56 -7.65 3.38 -19.97
C ARG A 56 -6.26 2.78 -19.74
N HIS A 57 -5.20 3.41 -20.26
CA HIS A 57 -3.84 2.90 -20.11
C HIS A 57 -3.08 3.74 -19.12
N LEU A 58 -2.51 3.08 -18.09
CA LEU A 58 -1.79 3.83 -17.06
C LEU A 58 -0.63 4.60 -17.64
N THR A 59 0.04 4.04 -18.65
CA THR A 59 1.13 4.72 -19.35
C THR A 59 0.77 6.13 -19.76
N ASN A 60 -0.49 6.37 -20.04
CA ASN A 60 -0.88 7.69 -20.43
C ASN A 60 -1.01 8.70 -19.32
N VAL A 61 -0.74 8.28 -18.10
CA VAL A 61 -0.74 9.19 -16.99
C VAL A 61 0.74 9.37 -16.76
N PRO A 62 1.28 10.54 -17.08
CA PRO A 62 2.70 10.74 -16.90
C PRO A 62 3.12 10.53 -15.43
N LEU A 63 4.22 9.87 -15.22
CA LEU A 63 4.69 9.66 -13.83
C LEU A 63 4.90 10.98 -13.13
N ASP A 64 5.30 12.01 -13.87
CA ASP A 64 5.51 13.29 -13.23
C ASP A 64 4.22 13.90 -12.69
N LEU A 65 3.08 13.62 -13.31
CA LEU A 65 1.82 14.12 -12.78
C LEU A 65 1.57 13.53 -11.39
N VAL A 66 1.75 12.22 -11.28
CA VAL A 66 1.54 11.50 -10.02
CA VAL A 66 1.50 11.56 -10.00
C VAL A 66 2.57 11.94 -8.99
N PHE A 67 3.83 12.07 -9.42
CA PHE A 67 4.87 12.57 -8.52
C PHE A 67 4.54 13.93 -7.98
N GLY A 68 4.06 14.82 -8.87
CA GLY A 68 3.71 16.16 -8.42
C GLY A 68 2.58 16.18 -7.41
N HIS A 69 1.54 15.37 -7.66
CA HIS A 69 0.41 15.28 -6.72
C HIS A 69 0.82 14.73 -5.37
N VAL A 70 1.59 13.64 -5.37
CA VAL A 70 1.92 12.91 -4.12
C VAL A 70 3.12 13.51 -3.41
N VAL A 71 4.23 13.65 -4.16
CA VAL A 71 5.47 14.07 -3.55
C VAL A 71 5.53 15.60 -3.44
N THR A 72 5.42 16.31 -4.56
CA THR A 72 5.61 17.77 -4.49
C THR A 72 4.50 18.43 -3.67
N GLU A 73 3.25 18.05 -3.92
CA GLU A 73 2.10 18.71 -3.27
C GLU A 73 1.68 18.05 -1.97
N GLY A 74 2.17 16.86 -1.64
CA GLY A 74 1.88 16.31 -0.34
C GLY A 74 0.58 15.56 -0.21
N HIS A 75 -0.02 15.17 -1.28
CA HIS A 75 -1.30 14.49 -1.14
C HIS A 75 -1.11 12.99 -1.11
N GLY A 76 -2.20 12.28 -0.87
CA GLY A 76 -2.20 10.84 -0.97
C GLY A 76 -2.60 10.37 -2.35
N GLY A 77 -2.77 9.07 -2.51
CA GLY A 77 -3.15 8.48 -3.75
C GLY A 77 -3.62 7.06 -3.57
N VAL A 78 -3.80 6.36 -4.68
CA VAL A 78 -4.29 4.99 -4.70
C VAL A 78 -3.23 3.97 -5.11
N CYS A 79 -3.60 2.71 -5.21
CA CYS A 79 -2.58 1.65 -5.32
C CYS A 79 -1.69 1.84 -6.54
N TYR A 80 -2.23 2.21 -7.69
CA TYR A 80 -1.48 2.35 -8.95
C TYR A 80 -0.83 3.70 -9.06
N GLU A 81 -0.90 4.50 -8.03
CA GLU A 81 -0.18 5.75 -7.89
C GLU A 81 0.96 5.55 -6.87
N LEU A 82 0.63 5.12 -5.66
CA LEU A 82 1.63 5.00 -4.61
C LEU A 82 2.61 3.89 -4.92
N ASN A 83 2.14 2.70 -5.29
CA ASN A 83 3.07 1.61 -5.60
C ASN A 83 3.84 1.89 -6.90
N ARG A 84 3.26 2.62 -7.83
CA ARG A 84 3.97 2.94 -9.07
C ARG A 84 5.15 3.85 -8.76
N LEU A 85 4.92 4.90 -7.98
CA LEU A 85 5.99 5.77 -7.52
C LEU A 85 7.01 5.00 -6.69
N PHE A 86 6.56 4.11 -5.79
CA PHE A 86 7.50 3.41 -4.90
C PHE A 86 8.36 2.45 -5.70
N HIS A 87 7.79 1.80 -6.71
CA HIS A 87 8.57 0.94 -7.59
C HIS A 87 9.71 1.74 -8.20
N THR A 88 9.42 2.94 -8.72
CA THR A 88 10.43 3.76 -9.36
C THR A 88 11.49 4.17 -8.35
N LEU A 89 11.10 4.54 -7.14
CA LEU A 89 12.06 4.94 -6.13
C LEU A 89 12.98 3.77 -5.80
N LEU A 90 12.40 2.58 -5.60
CA LEU A 90 13.18 1.40 -5.28
C LEU A 90 14.14 1.05 -6.41
N ALA A 91 13.68 1.15 -7.65
CA ALA A 91 14.55 0.86 -8.78
C ALA A 91 15.71 1.86 -8.83
N GLU A 92 15.46 3.11 -8.58
CA GLU A 92 16.53 4.12 -8.59
C GLU A 92 17.47 3.95 -7.43
N LEU A 93 17.04 3.34 -6.34
CA LEU A 93 17.91 2.99 -5.23
C LEU A 93 18.59 1.64 -5.38
N GLY A 94 18.41 0.96 -6.50
CA GLY A 94 19.16 -0.20 -6.84
C GLY A 94 18.49 -1.54 -6.63
N TYR A 95 17.23 -1.58 -6.24
CA TYR A 95 16.58 -2.85 -6.00
C TYR A 95 16.04 -3.49 -7.28
N ASP A 96 15.93 -4.80 -7.24
CA ASP A 96 15.32 -5.60 -8.30
C ASP A 96 13.83 -5.72 -7.98
N VAL A 97 13.07 -4.83 -8.56
CA VAL A 97 11.64 -4.72 -8.25
CA VAL A 97 11.64 -4.66 -8.27
C VAL A 97 10.82 -5.19 -9.45
N ARG A 98 9.79 -5.95 -9.13
CA ARG A 98 8.91 -6.59 -10.11
C ARG A 98 7.47 -6.22 -9.77
N MET A 99 6.69 -5.73 -10.72
CA MET A 99 5.30 -5.36 -10.47
C MET A 99 4.40 -6.59 -10.55
N VAL A 100 3.42 -6.66 -9.64
CA VAL A 100 2.44 -7.74 -9.61
C VAL A 100 1.07 -7.17 -9.36
N ALA A 101 0.04 -7.79 -9.88
CA ALA A 101 -1.35 -7.41 -9.65
C ALA A 101 -2.05 -8.47 -8.83
N ALA A 102 -3.06 -8.06 -8.08
CA ALA A 102 -3.79 -8.92 -7.17
C ALA A 102 -5.29 -8.67 -7.19
N ALA A 103 -6.01 -9.69 -6.75
CA ALA A 103 -7.45 -9.62 -6.48
C ALA A 103 -7.66 -9.50 -4.98
N VAL A 104 -8.51 -8.57 -4.59
CA VAL A 104 -8.71 -8.19 -3.20
C VAL A 104 -9.85 -8.98 -2.59
N ARG A 105 -9.68 -9.48 -1.37
N ARG A 105 -9.67 -9.49 -1.38
CA ARG A 105 -10.77 -10.17 -0.65
CA ARG A 105 -10.77 -10.09 -0.63
C ARG A 105 -11.84 -9.15 -0.25
C ARG A 105 -11.85 -9.06 -0.37
N GLN A 106 -13.07 -9.43 -0.68
CA GLN A 106 -14.22 -8.58 -0.47
C GLN A 106 -14.89 -8.96 0.85
N ALA A 107 -15.75 -8.04 1.34
CA ALA A 107 -16.46 -8.28 2.59
C ALA A 107 -17.27 -9.58 2.54
N ASN A 108 -17.82 -9.91 1.38
CA ASN A 108 -18.58 -11.16 1.27
C ASN A 108 -17.75 -12.39 1.10
N GLY A 109 -16.41 -12.30 1.24
CA GLY A 109 -15.55 -13.45 1.16
C GLY A 109 -15.08 -13.83 -0.24
N THR A 110 -15.65 -13.25 -1.28
CA THR A 110 -15.14 -13.51 -2.61
C THR A 110 -13.85 -12.70 -2.82
N PHE A 111 -13.21 -12.96 -3.94
CA PHE A 111 -12.14 -12.09 -4.43
C PHE A 111 -12.69 -11.29 -5.61
N GLY A 112 -12.34 -10.02 -5.68
CA GLY A 112 -12.78 -9.16 -6.74
C GLY A 112 -12.02 -9.37 -8.03
N PRO A 113 -12.09 -8.40 -8.93
CA PRO A 113 -11.40 -8.56 -10.23
C PRO A 113 -9.91 -8.84 -10.08
N GLU A 114 -9.38 -9.66 -11.00
CA GLU A 114 -8.06 -10.28 -10.88
C GLU A 114 -6.87 -9.31 -10.77
N ARG A 115 -6.98 -8.14 -11.37
CA ARG A 115 -5.86 -7.19 -11.45
C ARG A 115 -6.21 -5.85 -10.85
N GLU A 116 -7.15 -5.85 -9.92
CA GLU A 116 -7.61 -4.61 -9.34
C GLU A 116 -6.50 -3.92 -8.55
N HIS A 117 -5.73 -4.68 -7.76
CA HIS A 117 -4.74 -4.13 -6.84
C HIS A 117 -3.41 -4.32 -7.53
N THR A 118 -2.55 -3.35 -7.41
CA THR A 118 -1.21 -3.36 -8.03
C THR A 118 -0.19 -3.10 -6.92
N PHE A 119 0.83 -3.95 -6.83
CA PHE A 119 1.92 -3.80 -5.83
C PHE A 119 3.19 -4.38 -6.43
N ASP A 120 4.21 -4.61 -5.61
CA ASP A 120 5.51 -5.03 -6.11
C ASP A 120 6.09 -6.13 -5.28
N LEU A 121 7.04 -6.81 -5.87
CA LEU A 121 7.93 -7.76 -5.22
C LEU A 121 9.37 -7.26 -5.38
N VAL A 122 10.22 -7.50 -4.40
CA VAL A 122 11.65 -7.20 -4.52
C VAL A 122 12.41 -8.49 -4.27
N HIS A 123 13.31 -8.83 -5.19
CA HIS A 123 14.18 -9.98 -4.99
C HIS A 123 15.55 -9.46 -4.56
N LEU A 124 15.98 -9.88 -3.39
CA LEU A 124 17.17 -9.29 -2.78
C LEU A 124 17.89 -10.39 -2.06
N ASP A 125 19.16 -10.58 -2.42
CA ASP A 125 20.05 -11.49 -1.66
C ASP A 125 19.42 -12.88 -1.61
N GLY A 126 18.82 -13.34 -2.72
CA GLY A 126 18.27 -14.68 -2.79
C GLY A 126 16.91 -14.91 -2.17
N ARG A 127 16.22 -13.85 -1.75
CA ARG A 127 14.90 -13.96 -1.14
C ARG A 127 13.96 -12.94 -1.77
N THR A 128 12.70 -13.27 -1.85
CA THR A 128 11.68 -12.38 -2.41
C THR A 128 10.80 -11.80 -1.33
N HIS A 129 10.62 -10.50 -1.38
CA HIS A 129 9.82 -9.74 -0.42
C HIS A 129 8.64 -9.11 -1.12
N LEU A 130 7.48 -9.08 -0.50
CA LEU A 130 6.32 -8.33 -0.94
C LEU A 130 6.39 -6.91 -0.42
N VAL A 131 6.10 -5.95 -1.29
N VAL A 131 6.28 -5.92 -1.30
CA VAL A 131 6.22 -4.53 -1.05
CA VAL A 131 6.24 -4.52 -0.89
C VAL A 131 4.88 -3.91 -1.42
C VAL A 131 4.96 -3.86 -1.40
N ASP A 132 4.26 -3.19 -0.49
CA ASP A 132 2.94 -2.62 -0.78
C ASP A 132 2.71 -1.42 0.12
N VAL A 133 2.86 -0.26 -0.46
CA VAL A 133 2.62 1.00 0.25
C VAL A 133 1.33 1.66 -0.21
N GLY A 134 0.49 0.90 -0.93
CA GLY A 134 -0.69 1.43 -1.59
C GLY A 134 -1.93 0.62 -1.40
N PHE A 135 -2.20 0.18 -0.20
CA PHE A 135 -3.39 -0.68 0.11
C PHE A 135 -4.18 0.01 1.19
N PRO A 136 -5.49 0.21 1.02
CA PRO A 136 -6.23 1.05 1.95
C PRO A 136 -6.45 0.41 3.29
N GLY A 137 -6.75 -0.86 3.36
CA GLY A 137 -7.21 -1.51 4.58
C GLY A 137 -6.09 -2.02 5.44
N PRO A 138 -6.43 -2.76 6.48
CA PRO A 138 -5.44 -3.29 7.41
C PRO A 138 -4.50 -4.26 6.72
N SER A 139 -3.18 -4.00 6.78
CA SER A 139 -2.20 -4.83 6.11
C SER A 139 -0.80 -4.50 6.66
N TYR A 140 0.23 -5.08 6.05
CA TYR A 140 1.57 -5.10 6.62
C TYR A 140 2.30 -3.77 6.44
N SER A 141 2.90 -3.25 7.49
N SER A 141 2.91 -3.30 7.52
CA SER A 141 3.67 -2.01 7.31
CA SER A 141 3.68 -2.06 7.52
C SER A 141 5.15 -2.24 7.02
C SER A 141 5.11 -2.23 7.07
N GLU A 142 5.64 -3.47 7.14
CA GLU A 142 6.97 -3.79 6.67
C GLU A 142 6.88 -4.95 5.70
N PRO A 143 7.82 -5.10 4.76
CA PRO A 143 7.69 -6.13 3.73
C PRO A 143 7.54 -7.52 4.29
N LEU A 144 6.78 -8.36 3.58
CA LEU A 144 6.66 -9.76 3.93
C LEU A 144 7.60 -10.58 3.08
N TYR A 145 8.03 -11.70 3.56
CA TYR A 145 8.71 -12.69 2.72
C TYR A 145 7.69 -13.50 1.97
N LEU A 146 8.00 -13.88 0.72
CA LEU A 146 7.10 -14.70 -0.10
C LEU A 146 7.17 -16.15 0.41
N SER A 147 6.40 -16.46 1.44
CA SER A 147 6.54 -17.72 2.18
C SER A 147 5.29 -17.97 2.98
N GLU A 148 4.89 -19.26 3.10
CA GLU A 148 3.81 -19.63 3.99
C GLU A 148 4.22 -19.66 5.43
N GLU A 149 5.50 -19.55 5.74
CA GLU A 149 5.95 -19.46 7.13
C GLU A 149 5.33 -18.25 7.81
N GLU A 150 4.87 -18.40 9.04
CA GLU A 150 4.28 -17.30 9.76
C GLU A 150 5.30 -16.20 10.03
N GLN A 151 4.89 -14.97 9.87
CA GLN A 151 5.71 -13.81 10.03
C GLN A 151 4.99 -12.91 10.99
N HIS A 152 5.70 -12.22 11.84
CA HIS A 152 5.10 -11.43 12.89
C HIS A 152 5.58 -10.00 12.88
N GLN A 153 4.68 -9.04 12.92
CA GLN A 153 5.09 -7.65 12.97
C GLN A 153 4.00 -6.81 13.61
N TYR A 154 4.40 -5.90 14.48
CA TYR A 154 3.49 -4.99 15.15
C TYR A 154 2.24 -5.65 15.75
N GLY A 155 2.43 -6.79 16.39
CA GLY A 155 1.35 -7.45 17.06
C GLY A 155 0.41 -8.25 16.21
N CYS A 156 0.70 -8.35 14.89
CA CYS A 156 -0.08 -9.09 13.91
CA CYS A 156 -0.11 -9.18 14.02
C CYS A 156 0.76 -10.25 13.39
N SER A 157 0.14 -11.26 12.86
CA SER A 157 0.78 -12.33 12.11
C SER A 157 0.33 -12.28 10.65
N TYR A 158 1.25 -12.71 9.78
CA TYR A 158 1.02 -12.79 8.34
C TYR A 158 1.58 -14.10 7.82
N ARG A 159 1.03 -14.56 6.71
CA ARG A 159 1.56 -15.72 6.00
C ARG A 159 1.11 -15.54 4.56
N VAL A 160 1.87 -16.13 3.63
CA VAL A 160 1.56 -16.04 2.21
C VAL A 160 1.40 -17.49 1.73
N THR A 161 0.20 -17.98 1.71
CA THR A 161 -0.08 -19.40 1.46
C THR A 161 -0.29 -19.59 -0.02
N GLU A 162 -0.38 -20.85 -0.47
CA GLU A 162 -0.65 -21.10 -1.88
C GLU A 162 -1.94 -21.85 -2.01
N HIS A 163 -2.82 -21.39 -2.87
CA HIS A 163 -4.15 -21.98 -3.07
C HIS A 163 -4.50 -21.82 -4.55
N ASP A 164 -4.58 -22.95 -5.25
CA ASP A 164 -5.16 -23.01 -6.59
C ASP A 164 -4.48 -22.05 -7.58
N GLY A 165 -3.17 -22.07 -7.56
CA GLY A 165 -2.36 -21.29 -8.47
C GLY A 165 -2.15 -19.86 -8.05
N TYR A 166 -2.67 -19.47 -6.87
CA TYR A 166 -2.44 -18.14 -6.33
C TYR A 166 -1.65 -18.22 -5.05
N ARG A 167 -0.89 -17.15 -4.79
N ARG A 167 -0.90 -17.14 -4.80
CA ARG A 167 -0.37 -16.90 -3.45
CA ARG A 167 -0.37 -16.85 -3.47
C ARG A 167 -1.33 -15.93 -2.76
C ARG A 167 -1.35 -15.91 -2.77
N VAL A 168 -1.67 -16.24 -1.52
CA VAL A 168 -2.68 -15.51 -0.75
C VAL A 168 -2.03 -14.89 0.47
N VAL A 169 -2.05 -13.57 0.54
CA VAL A 169 -1.61 -12.87 1.75
C VAL A 169 -2.72 -12.99 2.77
N GLU A 170 -2.39 -13.55 3.93
CA GLU A 170 -3.34 -13.67 5.03
C GLU A 170 -2.78 -12.95 6.25
N ARG A 171 -3.71 -12.41 7.06
CA ARG A 171 -3.37 -11.60 8.23
C ARG A 171 -4.18 -12.07 9.42
N ARG A 172 -3.57 -12.08 10.59
CA ARG A 172 -4.25 -12.42 11.83
C ARG A 172 -3.89 -11.43 12.92
N PRO A 173 -4.78 -10.52 13.31
CA PRO A 173 -4.49 -9.63 14.46
C PRO A 173 -4.79 -10.39 15.77
N LYS A 174 -4.57 -9.71 16.88
CA LYS A 174 -4.87 -10.34 18.17
C LYS A 174 -6.34 -10.66 18.29
N GLY A 175 -6.64 -11.83 18.81
CA GLY A 175 -8.02 -12.17 19.16
C GLY A 175 -8.93 -12.51 18.01
N SER A 176 -8.44 -12.65 16.78
N SER A 176 -8.41 -12.66 16.79
CA SER A 176 -9.30 -12.88 15.63
CA SER A 176 -9.23 -12.87 15.60
C SER A 176 -8.69 -13.99 14.80
C SER A 176 -8.68 -14.04 14.83
N ASP A 177 -9.44 -14.49 13.82
CA ASP A 177 -8.96 -15.58 12.98
C ASP A 177 -8.13 -15.03 11.81
N TRP A 178 -7.43 -15.91 11.17
CA TRP A 178 -6.78 -15.59 9.88
C TRP A 178 -7.81 -15.11 8.90
N GLN A 179 -7.48 -14.08 8.13
CA GLN A 179 -8.33 -13.61 7.02
C GLN A 179 -7.48 -13.26 5.81
N PRO A 180 -7.84 -13.64 4.62
CA PRO A 180 -7.09 -13.17 3.44
C PRO A 180 -7.21 -11.68 3.27
N VAL A 181 -6.15 -11.10 2.70
CA VAL A 181 -6.12 -9.71 2.28
C VAL A 181 -6.28 -9.61 0.78
N TYR A 182 -5.44 -10.31 0.03
CA TYR A 182 -5.51 -10.33 -1.42
C TYR A 182 -4.72 -11.52 -1.91
N ARG A 183 -4.89 -11.86 -3.18
CA ARG A 183 -4.22 -12.99 -3.81
C ARG A 183 -3.66 -12.60 -5.18
N PHE A 184 -2.56 -13.26 -5.54
CA PHE A 184 -1.87 -12.91 -6.77
C PHE A 184 -1.16 -14.12 -7.34
N ARG A 185 -0.79 -14.02 -8.62
CA ARG A 185 -0.05 -15.09 -9.27
C ARG A 185 1.40 -14.68 -9.34
N PRO A 186 2.29 -15.27 -8.58
CA PRO A 186 3.65 -14.76 -8.53
C PRO A 186 4.40 -14.81 -9.86
N GLU A 187 4.09 -15.82 -10.68
CA GLU A 187 4.77 -16.02 -11.94
C GLU A 187 4.44 -14.97 -12.97
N LEU A 188 3.45 -14.10 -12.73
CA LEU A 188 3.17 -13.01 -13.63
C LEU A 188 3.88 -11.72 -13.22
N ALA A 189 4.69 -11.75 -12.19
CA ALA A 189 5.48 -10.56 -11.84
C ALA A 189 6.33 -10.14 -13.04
N ASP A 190 6.62 -8.86 -13.16
CA ASP A 190 7.27 -8.34 -14.36
C ASP A 190 8.02 -7.06 -13.99
N PRO A 191 9.32 -6.99 -14.21
CA PRO A 191 10.03 -5.73 -13.99
C PRO A 191 9.38 -4.52 -14.65
N SER A 192 8.77 -4.72 -15.82
CA SER A 192 8.15 -3.67 -16.61
C SER A 192 6.62 -3.72 -16.54
N GLY A 193 6.09 -4.40 -15.54
CA GLY A 193 4.66 -4.58 -15.50
C GLY A 193 3.83 -3.32 -15.36
N TRP A 194 4.39 -2.24 -14.80
CA TRP A 194 3.61 -0.99 -14.68
C TRP A 194 3.20 -0.47 -16.05
N ASP A 195 4.02 -0.75 -17.07
CA ASP A 195 3.72 -0.29 -18.42
C ASP A 195 2.49 -0.96 -19.00
N ALA A 196 2.08 -2.10 -18.48
CA ALA A 196 0.95 -2.86 -19.01
C ALA A 196 -0.38 -2.64 -18.26
N VAL A 197 -0.42 -1.80 -17.24
CA VAL A 197 -1.63 -1.70 -16.42
C VAL A 197 -2.71 -0.94 -17.19
N ARG A 198 -3.95 -1.41 -17.07
CA ARG A 198 -5.11 -0.76 -17.70
C ARG A 198 -6.10 -0.41 -16.61
N LEU A 199 -6.68 0.77 -16.74
CA LEU A 199 -7.59 1.32 -15.72
C LEU A 199 -9.02 1.38 -16.25
N VAL A 210 -25.83 12.71 -7.75
CA VAL A 210 -25.19 11.46 -7.33
C VAL A 210 -24.23 11.73 -6.19
N LEU A 211 -24.35 10.95 -5.12
CA LEU A 211 -23.39 11.01 -4.04
C LEU A 211 -22.00 10.62 -4.57
N ALA A 212 -20.97 11.21 -3.98
CA ALA A 212 -19.61 10.76 -4.27
C ALA A 212 -19.46 9.29 -3.91
N GLY A 213 -18.58 8.60 -4.65
CA GLY A 213 -18.27 7.22 -4.33
C GLY A 213 -17.61 7.09 -2.97
N THR A 214 -17.57 5.86 -2.45
CA THR A 214 -17.07 5.67 -1.08
C THR A 214 -15.61 6.08 -1.02
N THR A 215 -15.30 6.89 -0.06
CA THR A 215 -13.95 7.37 0.14
C THR A 215 -13.18 6.42 1.07
N PHE A 216 -11.89 6.24 0.73
N PHE A 216 -11.97 6.02 0.63
CA PHE A 216 -10.95 5.37 1.42
CA PHE A 216 -11.03 5.29 1.48
C PHE A 216 -9.73 6.21 1.75
C PHE A 216 -9.79 6.15 1.73
N ARG A 217 -9.42 6.29 3.02
CA ARG A 217 -8.24 7.01 3.44
C ARG A 217 -7.59 6.25 4.59
N SER A 218 -6.26 6.15 4.60
CA SER A 218 -5.56 5.47 5.71
C SER A 218 -4.10 5.84 5.74
N ARG A 219 -3.48 5.56 6.87
CA ARG A 219 -2.01 5.61 6.93
C ARG A 219 -1.55 4.75 8.07
N ALA A 220 -0.28 4.36 8.03
CA ALA A 220 0.32 3.68 9.17
C ALA A 220 0.64 4.69 10.28
N THR A 221 0.75 4.13 11.48
CA THR A 221 1.25 4.80 12.69
C THR A 221 2.52 4.05 13.12
N ASP A 222 3.15 4.48 14.20
CA ASP A 222 4.36 3.82 14.66
C ASP A 222 4.12 2.37 14.98
N ASN A 223 2.95 2.02 15.52
CA ASN A 223 2.73 0.64 15.94
C ASN A 223 1.45 0.05 15.33
N GLY A 224 0.98 0.60 14.23
CA GLY A 224 -0.27 0.09 13.66
C GLY A 224 -0.69 0.86 12.46
N LYS A 225 -2.01 1.03 12.31
CA LYS A 225 -2.59 1.68 11.15
C LYS A 225 -3.93 2.28 11.53
N ILE A 226 -4.31 3.36 10.85
CA ILE A 226 -5.61 4.00 11.01
C ILE A 226 -6.25 4.03 9.64
N VAL A 227 -7.52 3.65 9.59
CA VAL A 227 -8.23 3.44 8.33
C VAL A 227 -9.63 4.03 8.41
N LEU A 228 -10.04 4.85 7.46
CA LEU A 228 -11.39 5.40 7.40
C LEU A 228 -11.99 5.05 6.05
N ILE A 229 -13.03 4.24 6.05
N ILE A 229 -13.05 4.25 6.08
CA ILE A 229 -13.73 3.90 4.82
CA ILE A 229 -13.77 3.79 4.90
C ILE A 229 -15.17 4.34 5.02
C ILE A 229 -15.20 4.34 5.05
N GLY A 230 -15.56 5.39 4.33
CA GLY A 230 -16.86 6.01 4.59
C GLY A 230 -16.86 6.55 6.01
N ARG A 231 -17.85 6.17 6.82
CA ARG A 231 -17.88 6.53 8.22
C ARG A 231 -17.18 5.50 9.10
N ARG A 232 -16.73 4.39 8.58
CA ARG A 232 -16.19 3.30 9.36
C ARG A 232 -14.71 3.53 9.70
N TYR A 233 -14.44 3.85 10.97
CA TYR A 233 -13.10 4.16 11.42
C TYR A 233 -12.52 2.95 12.15
N PHE A 234 -11.36 2.50 11.71
CA PHE A 234 -10.63 1.35 12.25
C PHE A 234 -9.27 1.81 12.72
N THR A 235 -8.85 1.32 13.87
CA THR A 235 -7.47 1.48 14.32
C THR A 235 -6.96 0.13 14.79
N VAL A 236 -5.67 -0.09 14.54
CA VAL A 236 -4.95 -1.21 15.13
C VAL A 236 -3.70 -0.66 15.78
N GLU A 237 -3.45 -1.06 17.02
CA GLU A 237 -2.29 -0.60 17.81
C GLU A 237 -1.68 -1.82 18.47
N ASP A 238 -0.44 -2.12 18.10
CA ASP A 238 0.20 -3.36 18.55
C ASP A 238 -0.72 -4.56 18.45
N GLY A 239 -1.44 -4.68 17.35
CA GLY A 239 -2.24 -5.83 17.03
C GLY A 239 -3.65 -5.83 17.60
N VAL A 240 -3.99 -4.84 18.40
CA VAL A 240 -5.29 -4.75 19.06
C VAL A 240 -6.15 -3.81 18.22
N GLU A 241 -7.27 -4.31 17.71
CA GLU A 241 -8.13 -3.55 16.83
C GLU A 241 -9.36 -2.96 17.51
N ARG A 242 -9.74 -1.76 17.07
CA ARG A 242 -10.91 -1.08 17.55
C ARG A 242 -11.59 -0.47 16.34
N THR A 243 -12.91 -0.44 16.34
CA THR A 243 -13.63 0.17 15.26
C THR A 243 -14.77 1.02 15.80
N LYS A 244 -15.16 2.04 15.06
CA LYS A 244 -16.28 2.89 15.43
C LYS A 244 -16.89 3.48 14.17
N VAL A 245 -18.20 3.48 14.06
CA VAL A 245 -18.86 4.14 12.95
C VAL A 245 -19.02 5.61 13.43
N LEU A 246 -18.42 6.53 12.72
CA LEU A 246 -18.41 7.96 13.08
C LEU A 246 -19.75 8.60 12.72
N VAL A 247 -20.31 9.32 13.67
CA VAL A 247 -21.55 10.06 13.46
C VAL A 247 -21.25 11.53 13.24
N LYS A 248 -20.59 12.19 14.20
CA LYS A 248 -20.43 13.65 14.21
C LYS A 248 -19.52 14.16 13.11
N ALA A 249 -19.94 15.27 12.47
CA ALA A 249 -19.16 15.86 11.40
C ALA A 249 -17.81 16.33 11.89
N ASP A 250 -17.73 16.89 13.09
CA ASP A 250 -16.44 17.40 13.60
C ASP A 250 -15.47 16.26 13.90
N GLU A 251 -15.94 15.20 14.52
CA GLU A 251 -15.10 14.04 14.76
C GLU A 251 -14.64 13.45 13.44
N PHE A 252 -15.54 13.32 12.48
CA PHE A 252 -15.19 12.81 11.15
C PHE A 252 -14.07 13.63 10.56
N GLN A 253 -14.20 14.97 10.57
CA GLN A 253 -13.17 15.82 9.99
C GLN A 253 -11.85 15.70 10.74
N ASP A 254 -11.90 15.53 12.06
CA ASP A 254 -10.69 15.37 12.87
C ASP A 254 -9.95 14.10 12.43
N VAL A 255 -10.68 13.01 12.16
CA VAL A 255 -10.04 11.75 11.74
C VAL A 255 -9.45 11.93 10.36
N VAL A 256 -10.16 12.55 9.41
CA VAL A 256 -9.62 12.81 8.09
C VAL A 256 -8.33 13.59 8.22
N ASP A 257 -8.34 14.65 9.02
CA ASP A 257 -7.16 15.49 9.19
C ASP A 257 -6.01 14.68 9.75
N LEU A 258 -6.26 13.84 10.75
CA LEU A 258 -5.21 13.02 11.37
C LEU A 258 -4.59 12.06 10.36
N ILE A 259 -5.40 11.42 9.51
CA ILE A 259 -4.87 10.55 8.48
C ILE A 259 -4.04 11.34 7.50
N LEU A 260 -4.56 12.44 7.01
CA LEU A 260 -3.94 13.12 5.87
C LEU A 260 -2.71 13.91 6.28
N ALA A 261 -2.54 14.20 7.55
CA ALA A 261 -1.38 14.93 8.02
C ALA A 261 -0.13 14.09 8.00
N GLY A 262 -0.24 12.78 7.87
CA GLY A 262 0.94 11.90 7.85
C GLY A 262 1.56 11.84 9.23
N ALA A 263 2.62 11.02 9.31
CA ALA A 263 3.47 10.83 10.49
C ALA A 263 4.88 10.35 10.03
#